data_6L92
#
_entry.id   6L92
#
_entity_poly.entity_id   1
_entity_poly.type   'polydeoxyribonucleotide'
_entity_poly.pdbx_seq_one_letter_code
;(DG)(DG)(DG)(DC)(DC)(DA)(DC)(DC)(DG)(DG)(DG)(DC)(DA)(DG)(DT)(DG)(DG)(DG)(DC)(DG)
(DG)(DG)
;
_entity_poly.pdbx_strand_id   A
#